data_3HKS
#
_entry.id   3HKS
#
_cell.length_a   56.560
_cell.length_b   79.830
_cell.length_c   94.950
_cell.angle_alpha   90.00
_cell.angle_beta   90.00
_cell.angle_gamma   90.00
#
_symmetry.space_group_name_H-M   'P 21 21 21'
#
loop_
_entity.id
_entity.type
_entity.pdbx_description
1 polymer 'Eukaryotic translation initiation factor 5A-2'
2 non-polymer 1,2-ETHANEDIOL
3 water water
#
_entity_poly.entity_id   1
_entity_poly.type   'polypeptide(L)'
_entity_poly.pdbx_seq_one_letter_code
;MGHHHHHHMSDDEHHFEASESGASKTYPQSAGNIRKGGHIVIKNRPCKVVEVSTSKTGKHGHAKCHFVAIDIFTAKKLED
IVPSSHNCDVPHVNRVDYQLIDITEDGFVSLLTDSGGTKDDLKLPTDDGLTAQMRLGFDEGKDIVVSVMSSMGEEQICAV
KEVGGGK
;
_entity_poly.pdbx_strand_id   A,B
#
loop_
_chem_comp.id
_chem_comp.type
_chem_comp.name
_chem_comp.formula
EDO non-polymer 1,2-ETHANEDIOL 'C2 H6 O2'
#
# COMPACT_ATOMS: atom_id res chain seq x y z
N SER A 24 -5.78 -4.47 3.55
CA SER A 24 -5.55 -3.03 3.17
C SER A 24 -4.31 -2.50 3.87
N LYS A 25 -4.23 -2.77 5.17
CA LYS A 25 -3.00 -2.49 5.90
C LYS A 25 -1.92 -3.59 5.70
N THR A 26 -2.37 -4.75 5.25
CA THR A 26 -1.51 -5.92 5.02
C THR A 26 -1.82 -6.59 3.68
N TYR A 27 -0.87 -7.38 3.19
CA TYR A 27 -1.14 -8.28 2.07
C TYR A 27 -0.65 -9.68 2.42
N PRO A 28 -1.32 -10.72 1.85
CA PRO A 28 -0.94 -12.11 2.12
C PRO A 28 0.18 -12.59 1.20
N GLN A 29 1.17 -13.25 1.80
CA GLN A 29 2.30 -13.79 1.05
C GLN A 29 2.77 -15.08 1.72
N SER A 30 3.08 -16.09 0.92
CA SER A 30 3.44 -17.41 1.45
C SER A 30 4.67 -17.28 2.31
N ALA A 31 4.67 -17.98 3.44
CA ALA A 31 5.79 -17.92 4.38
C ALA A 31 7.13 -18.23 3.72
N GLY A 32 7.11 -19.14 2.74
CA GLY A 32 8.34 -19.51 2.00
C GLY A 32 8.95 -18.40 1.16
N ASN A 33 8.18 -17.34 0.93
CA ASN A 33 8.68 -16.17 0.18
C ASN A 33 9.21 -15.05 1.08
N ILE A 34 8.98 -15.14 2.39
CA ILE A 34 9.48 -14.15 3.34
C ILE A 34 10.99 -14.25 3.51
N ARG A 35 11.64 -13.09 3.50
CA ARG A 35 13.08 -13.00 3.57
C ARG A 35 13.52 -12.11 4.73
N LYS A 36 14.71 -12.41 5.26
CA LYS A 36 15.38 -11.58 6.26
C LYS A 36 15.44 -10.13 5.74
N GLY A 37 15.00 -9.19 6.56
CA GLY A 37 14.95 -7.79 6.15
C GLY A 37 13.58 -7.33 5.66
N GLY A 38 12.70 -8.29 5.36
CA GLY A 38 11.30 -8.03 5.03
C GLY A 38 10.50 -7.91 6.31
N HIS A 39 9.18 -7.77 6.17
CA HIS A 39 8.26 -7.64 7.29
C HIS A 39 7.19 -8.71 7.33
N ILE A 40 6.63 -8.89 8.51
CA ILE A 40 5.63 -9.91 8.78
C ILE A 40 4.78 -9.40 9.93
N VAL A 41 3.51 -9.78 9.97
CA VAL A 41 2.65 -9.52 11.13
C VAL A 41 2.70 -10.73 12.07
N ILE A 42 3.06 -10.48 13.34
CA ILE A 42 2.99 -11.46 14.40
C ILE A 42 2.20 -10.84 15.54
N LYS A 43 1.16 -11.53 16.00
CA LYS A 43 0.28 -11.06 17.09
C LYS A 43 -0.18 -9.62 16.84
N ASN A 44 -0.61 -9.36 15.60
CA ASN A 44 -1.12 -8.06 15.14
C ASN A 44 -0.10 -6.91 15.24
N ARG A 45 1.19 -7.26 15.24
CA ARG A 45 2.27 -6.29 15.34
C ARG A 45 3.15 -6.33 14.09
N PRO A 46 3.45 -5.16 13.51
CA PRO A 46 4.36 -5.14 12.35
C PRO A 46 5.81 -5.33 12.78
N CYS A 47 6.47 -6.37 12.25
CA CYS A 47 7.83 -6.69 12.68
C CYS A 47 8.74 -6.82 11.50
N LYS A 48 10.02 -6.45 11.68
CA LYS A 48 11.03 -6.69 10.65
C LYS A 48 11.67 -8.04 10.90
N VAL A 49 11.76 -8.84 9.84
CA VAL A 49 12.34 -10.18 9.94
C VAL A 49 13.88 -10.11 10.03
N VAL A 50 14.41 -10.65 11.14
CA VAL A 50 15.86 -10.69 11.39
C VAL A 50 16.48 -12.09 11.23
N GLU A 51 15.68 -13.15 11.39
CA GLU A 51 16.15 -14.53 11.21
C GLU A 51 15.06 -15.39 10.55
N VAL A 52 15.45 -16.14 9.53
CA VAL A 52 14.58 -17.16 8.94
C VAL A 52 15.31 -18.50 8.93
N SER A 53 14.66 -19.53 9.48
CA SER A 53 15.14 -20.90 9.28
C SER A 53 14.00 -21.87 8.92
N THR A 54 14.35 -23.01 8.34
CA THR A 54 13.35 -23.98 7.92
C THR A 54 13.60 -25.32 8.60
N SER A 55 12.53 -26.11 8.75
CA SER A 55 12.63 -27.49 9.21
C SER A 55 11.62 -28.35 8.46
N LYS A 56 11.90 -29.65 8.37
CA LYS A 56 11.02 -30.55 7.67
C LYS A 56 10.88 -31.89 8.41
N THR A 57 9.63 -32.34 8.53
CA THR A 57 9.32 -33.65 9.07
C THR A 57 9.67 -34.77 8.08
N GLY A 58 10.83 -35.39 8.27
CA GLY A 58 11.26 -36.53 7.45
C GLY A 58 11.50 -36.18 5.98
N LYS A 59 11.62 -37.20 5.15
CA LYS A 59 11.89 -37.06 3.71
C LYS A 59 10.71 -36.51 2.92
N HIS A 60 9.50 -36.79 3.39
CA HIS A 60 8.27 -36.46 2.63
C HIS A 60 7.45 -35.29 3.25
N GLY A 61 8.05 -34.57 4.18
CA GLY A 61 7.40 -33.44 4.81
C GLY A 61 7.45 -32.19 3.95
N HIS A 62 6.80 -31.13 4.42
CA HIS A 62 6.85 -29.83 3.76
C HIS A 62 7.47 -28.85 4.73
N ALA A 63 8.38 -28.02 4.23
CA ALA A 63 9.16 -27.14 5.09
C ALA A 63 8.26 -26.23 5.89
N LYS A 64 8.66 -26.02 7.15
CA LYS A 64 8.08 -25.01 7.99
C LYS A 64 9.10 -23.90 8.06
N CYS A 65 8.62 -22.67 8.10
CA CYS A 65 9.47 -21.48 8.26
C CYS A 65 9.40 -21.00 9.70
N HIS A 66 10.57 -20.83 10.30
CA HIS A 66 10.68 -20.37 11.68
C HIS A 66 11.17 -18.92 11.63
N PHE A 67 10.33 -18.00 12.09
CA PHE A 67 10.66 -16.56 12.03
C PHE A 67 11.08 -16.00 13.37
N VAL A 68 12.15 -15.20 13.36
CA VAL A 68 12.44 -14.27 14.46
C VAL A 68 12.31 -12.85 13.87
N ALA A 69 11.52 -12.00 14.52
CA ALA A 69 11.25 -10.68 13.98
C ALA A 69 11.19 -9.62 15.08
N ILE A 70 11.45 -8.36 14.72
CA ILE A 70 11.50 -7.27 15.72
C ILE A 70 10.39 -6.24 15.48
N ASP A 71 9.53 -6.05 16.48
CA ASP A 71 8.45 -5.05 16.40
C ASP A 71 9.05 -3.70 16.00
N ILE A 72 8.58 -3.11 14.90
CA ILE A 72 9.21 -1.90 14.33
C ILE A 72 9.00 -0.61 15.14
N PHE A 73 8.05 -0.64 16.07
CA PHE A 73 7.79 0.51 16.94
C PHE A 73 8.28 0.29 18.37
N THR A 74 8.15 -0.94 18.89
CA THR A 74 8.48 -1.23 20.29
C THR A 74 9.83 -1.91 20.46
N ALA A 75 10.39 -2.42 19.35
CA ALA A 75 11.67 -3.13 19.36
C ALA A 75 11.64 -4.48 20.11
N LYS A 76 10.44 -4.92 20.50
CA LYS A 76 10.29 -6.24 21.10
C LYS A 76 10.47 -7.36 20.07
N LYS A 77 11.13 -8.43 20.48
CA LYS A 77 11.35 -9.60 19.63
C LYS A 77 10.11 -10.48 19.66
N LEU A 78 9.63 -10.87 18.49
CA LEU A 78 8.49 -11.81 18.40
C LEU A 78 8.85 -12.97 17.47
N GLU A 79 8.15 -14.08 17.62
CA GLU A 79 8.48 -15.28 16.84
C GLU A 79 7.22 -15.99 16.32
N ASP A 80 7.37 -16.74 15.25
CA ASP A 80 6.28 -17.53 14.69
C ASP A 80 6.89 -18.73 13.98
N ILE A 81 6.13 -19.82 13.93
CA ILE A 81 6.46 -20.95 13.04
C ILE A 81 5.26 -21.13 12.10
N VAL A 82 5.54 -21.08 10.80
CA VAL A 82 4.52 -21.10 9.75
C VAL A 82 4.89 -22.14 8.68
N PRO A 83 3.92 -22.99 8.27
CA PRO A 83 4.18 -23.83 7.10
C PRO A 83 4.55 -22.96 5.92
N SER A 84 5.55 -23.37 5.15
CA SER A 84 6.05 -22.55 4.04
C SER A 84 4.96 -22.22 3.02
N SER A 85 3.94 -23.07 2.97
CA SER A 85 2.87 -22.99 1.97
C SER A 85 1.67 -22.17 2.44
N HIS A 86 1.63 -21.81 3.73
CA HIS A 86 0.58 -20.94 4.26
C HIS A 86 1.00 -19.48 4.07
N ASN A 87 0.02 -18.59 3.98
CA ASN A 87 0.30 -17.15 3.90
C ASN A 87 0.62 -16.57 5.24
N CYS A 88 1.60 -15.67 5.25
CA CYS A 88 1.74 -14.72 6.33
C CYS A 88 0.96 -13.49 5.94
N ASP A 89 0.57 -12.69 6.92
CA ASP A 89 0.18 -11.31 6.68
C ASP A 89 1.44 -10.44 6.70
N VAL A 90 1.65 -9.69 5.63
CA VAL A 90 2.78 -8.79 5.55
C VAL A 90 2.28 -7.35 5.66
N PRO A 91 2.80 -6.58 6.64
CA PRO A 91 2.30 -5.20 6.78
C PRO A 91 2.95 -4.28 5.74
N HIS A 92 2.18 -3.34 5.21
CA HIS A 92 2.80 -2.23 4.45
C HIS A 92 3.57 -1.36 5.45
N VAL A 93 4.78 -0.98 5.08
CA VAL A 93 5.60 -0.11 5.91
C VAL A 93 6.05 1.05 5.04
N ASN A 94 5.72 2.27 5.46
CA ASN A 94 6.06 3.44 4.66
C ASN A 94 6.92 4.42 5.44
N ARG A 95 7.77 5.14 4.73
CA ARG A 95 8.53 6.25 5.30
C ARG A 95 8.27 7.46 4.42
N VAL A 96 7.71 8.51 5.02
CA VAL A 96 7.35 9.73 4.29
C VAL A 96 7.96 10.96 4.98
N ASP A 97 8.56 11.84 4.18
CA ASP A 97 9.10 13.12 4.64
C ASP A 97 8.05 14.23 4.50
N TYR A 98 7.92 15.06 5.54
CA TYR A 98 7.04 16.23 5.52
C TYR A 98 7.77 17.46 6.05
N GLN A 99 7.46 18.62 5.51
CA GLN A 99 7.94 19.87 6.07
C GLN A 99 7.11 20.22 7.31
N LEU A 100 7.79 20.66 8.37
CA LEU A 100 7.14 21.06 9.61
C LEU A 100 6.62 22.50 9.52
N ILE A 101 5.33 22.68 9.74
CA ILE A 101 4.70 24.00 9.65
C ILE A 101 4.06 24.48 10.96
N ASP A 102 4.06 23.62 11.98
CA ASP A 102 3.65 24.04 13.34
C ASP A 102 3.94 23.02 14.43
N ILE A 103 4.23 23.53 15.62
CA ILE A 103 4.20 22.76 16.84
C ILE A 103 3.24 23.50 17.77
N THR A 104 2.13 22.86 18.11
CA THR A 104 1.11 23.47 18.96
C THR A 104 1.59 23.47 20.40
N GLU A 105 1.00 24.33 21.24
CA GLU A 105 1.34 24.38 22.67
C GLU A 105 0.99 23.10 23.44
N ASP A 106 0.06 22.30 22.91
CA ASP A 106 -0.27 21.00 23.51
C ASP A 106 0.47 19.82 22.88
N GLY A 107 1.44 20.10 22.01
CA GLY A 107 2.36 19.06 21.58
C GLY A 107 2.02 18.38 20.27
N PHE A 108 1.01 18.89 19.57
CA PHE A 108 0.71 18.37 18.24
C PHE A 108 1.66 18.98 17.22
N VAL A 109 1.83 18.27 16.12
CA VAL A 109 2.71 18.70 15.05
C VAL A 109 1.86 18.88 13.78
N SER A 110 2.12 19.97 13.06
CA SER A 110 1.45 20.20 11.79
C SER A 110 2.45 20.03 10.67
N LEU A 111 2.09 19.16 9.72
CA LEU A 111 2.99 18.76 8.67
C LEU A 111 2.39 19.08 7.31
N LEU A 112 3.23 19.58 6.41
CA LEU A 112 2.82 19.92 5.07
C LEU A 112 2.90 18.68 4.17
N THR A 113 1.79 18.45 3.48
CA THR A 113 1.54 17.28 2.66
C THR A 113 1.91 17.57 1.18
N ASP A 114 2.33 16.55 0.42
CA ASP A 114 2.73 16.75 -1.00
C ASP A 114 1.60 17.21 -1.94
N SER A 115 0.35 17.10 -1.49
CA SER A 115 -0.80 17.58 -2.25
C SER A 115 -1.17 19.02 -1.87
N GLY A 116 -0.40 19.63 -0.96
CA GLY A 116 -0.69 20.98 -0.46
C GLY A 116 -1.65 20.96 0.72
N GLY A 117 -1.81 19.78 1.33
CA GLY A 117 -2.68 19.65 2.47
C GLY A 117 -1.91 19.74 3.77
N THR A 118 -2.57 19.44 4.88
CA THR A 118 -1.89 19.42 6.16
C THR A 118 -2.21 18.12 6.90
N LYS A 119 -1.21 17.61 7.61
CA LYS A 119 -1.35 16.40 8.41
C LYS A 119 -1.05 16.78 9.86
N ASP A 120 -2.09 16.76 10.71
CA ASP A 120 -2.03 17.32 12.08
C ASP A 120 -2.29 16.33 13.22
N ASP A 121 -2.33 15.03 12.92
CA ASP A 121 -2.71 14.01 13.92
C ASP A 121 -1.57 13.48 14.79
N LEU A 122 -0.33 13.78 14.41
CA LEU A 122 0.84 13.34 15.17
C LEU A 122 1.26 14.31 16.27
N LYS A 123 1.91 13.75 17.28
CA LYS A 123 2.47 14.53 18.35
C LYS A 123 3.99 14.46 18.29
N LEU A 124 4.64 15.30 19.10
CA LEU A 124 6.09 15.30 19.21
C LEU A 124 6.58 13.91 19.65
N PRO A 125 7.69 13.43 19.04
CA PRO A 125 8.13 12.07 19.42
C PRO A 125 8.61 12.01 20.87
N THR A 126 8.58 10.83 21.46
CA THR A 126 9.05 10.61 22.84
C THR A 126 10.58 10.81 22.96
N ASP A 127 11.30 10.56 21.88
CA ASP A 127 12.73 10.85 21.77
C ASP A 127 13.03 12.35 21.98
N ASP A 128 13.79 12.65 23.03
CA ASP A 128 14.09 14.03 23.41
C ASP A 128 14.98 14.76 22.42
N GLY A 129 15.87 14.01 21.74
CA GLY A 129 16.75 14.60 20.75
C GLY A 129 16.00 15.08 19.52
N LEU A 130 15.09 14.22 19.04
CA LEU A 130 14.23 14.52 17.89
C LEU A 130 13.31 15.69 18.19
N THR A 131 12.74 15.71 19.38
CA THR A 131 11.83 16.78 19.81
C THR A 131 12.54 18.13 19.95
N ALA A 132 13.73 18.14 20.56
CA ALA A 132 14.52 19.36 20.66
C ALA A 132 14.91 19.88 19.29
N GLN A 133 15.27 18.98 18.37
CA GLN A 133 15.60 19.38 16.99
C GLN A 133 14.42 20.07 16.30
N MET A 134 13.22 19.50 16.47
CA MET A 134 11.99 20.04 15.88
C MET A 134 11.63 21.41 16.46
N ARG A 135 11.62 21.49 17.80
CA ARG A 135 11.26 22.70 18.51
C ARG A 135 12.24 23.84 18.25
N LEU A 136 13.54 23.52 18.31
CA LEU A 136 14.59 24.51 18.04
C LEU A 136 14.54 24.99 16.60
N GLY A 137 14.47 24.06 15.65
CA GLY A 137 14.40 24.41 14.23
C GLY A 137 13.19 25.27 13.90
N PHE A 138 12.05 24.96 14.52
CA PHE A 138 10.83 25.74 14.35
C PHE A 138 10.93 27.14 14.94
N ASP A 139 11.51 27.26 16.15
CA ASP A 139 11.73 28.57 16.78
C ASP A 139 12.69 29.42 15.96
N GLU A 140 13.66 28.75 15.33
CA GLU A 140 14.70 29.40 14.53
C GLU A 140 14.24 29.77 13.11
N GLY A 141 13.02 29.37 12.72
CA GLY A 141 12.50 29.65 11.38
C GLY A 141 13.17 28.84 10.28
N LYS A 142 13.72 27.70 10.67
CA LYS A 142 14.38 26.83 9.73
C LYS A 142 13.41 25.95 8.98
N ASP A 143 13.82 25.49 7.79
N ASP A 143 13.82 25.50 7.79
CA ASP A 143 13.06 24.52 7.00
CA ASP A 143 13.08 24.52 7.02
C ASP A 143 13.36 23.14 7.57
C ASP A 143 13.39 23.15 7.61
N ILE A 144 12.42 22.61 8.34
CA ILE A 144 12.60 21.33 9.02
C ILE A 144 11.80 20.25 8.32
N VAL A 145 12.47 19.15 7.99
CA VAL A 145 11.86 17.99 7.35
C VAL A 145 11.78 16.85 8.35
N VAL A 146 10.60 16.27 8.48
CA VAL A 146 10.31 15.24 9.48
C VAL A 146 9.98 13.96 8.74
N SER A 147 10.71 12.88 9.05
CA SER A 147 10.42 11.54 8.51
C SER A 147 9.47 10.79 9.42
N VAL A 148 8.41 10.23 8.82
CA VAL A 148 7.41 9.47 9.57
C VAL A 148 7.40 8.02 9.08
N MET A 149 7.53 7.09 10.01
CA MET A 149 7.37 5.66 9.70
C MET A 149 5.95 5.22 10.07
N SER A 150 5.25 4.61 9.12
CA SER A 150 3.87 4.21 9.35
C SER A 150 3.61 2.75 8.95
N SER A 151 2.84 2.05 9.79
CA SER A 151 2.44 0.68 9.53
C SER A 151 1.24 0.35 10.41
N MET A 152 0.21 -0.22 9.78
CA MET A 152 -0.95 -0.77 10.49
C MET A 152 -1.68 0.27 11.36
N GLY A 153 -1.83 1.48 10.82
CA GLY A 153 -2.52 2.58 11.52
C GLY A 153 -1.72 3.25 12.63
N GLU A 154 -0.42 2.97 12.68
CA GLU A 154 0.45 3.45 13.74
C GLU A 154 1.62 4.18 13.11
N GLU A 155 2.02 5.28 13.71
CA GLU A 155 2.98 6.19 13.08
C GLU A 155 3.97 6.70 14.11
N GLN A 156 5.21 6.84 13.67
CA GLN A 156 6.26 7.30 14.53
C GLN A 156 7.16 8.26 13.77
N ILE A 157 7.40 9.43 14.36
CA ILE A 157 8.41 10.35 13.84
C ILE A 157 9.77 9.73 14.14
N CYS A 158 10.54 9.46 13.10
CA CYS A 158 11.75 8.64 13.22
C CYS A 158 13.05 9.36 12.81
N ALA A 159 12.93 10.52 12.15
CA ALA A 159 14.10 11.34 11.82
C ALA A 159 13.73 12.81 11.66
N VAL A 160 14.69 13.70 11.89
CA VAL A 160 14.51 15.14 11.75
C VAL A 160 15.76 15.74 11.14
N LYS A 161 15.59 16.58 10.12
CA LYS A 161 16.72 17.34 9.55
C LYS A 161 16.30 18.75 9.17
N GLU A 162 17.25 19.69 9.20
CA GLU A 162 17.03 21.01 8.63
C GLU A 162 17.60 21.10 7.22
N VAL A 163 16.87 21.76 6.33
CA VAL A 163 17.30 21.83 4.94
C VAL A 163 17.53 23.28 4.44
N GLY A 164 17.43 24.24 5.34
CA GLY A 164 17.69 25.65 4.99
C GLY A 164 16.95 26.64 5.87
N GLY A 165 16.86 27.89 5.40
CA GLY A 165 16.14 28.94 6.11
C GLY A 165 16.84 29.45 7.36
N GLY A 166 16.07 30.12 8.22
CA GLY A 166 16.59 30.73 9.45
C GLY A 166 16.12 32.17 9.58
N LYS A 167 16.37 32.77 10.73
CA LYS A 167 15.93 34.14 11.01
C LYS A 167 17.14 35.10 11.12
N SER B 24 8.15 -3.40 -5.26
CA SER B 24 7.32 -2.35 -4.57
C SER B 24 5.91 -2.15 -5.16
N LYS B 25 5.79 -2.23 -6.48
CA LYS B 25 4.46 -2.25 -7.10
C LYS B 25 3.88 -3.68 -7.12
N THR B 26 4.76 -4.67 -7.01
CA THR B 26 4.36 -6.08 -6.98
C THR B 26 5.14 -6.85 -5.91
N TYR B 27 4.61 -8.00 -5.53
CA TYR B 27 5.35 -8.89 -4.66
C TYR B 27 5.25 -10.33 -5.17
N PRO B 28 6.27 -11.16 -4.90
CA PRO B 28 6.19 -12.57 -5.29
C PRO B 28 5.28 -13.40 -4.37
N GLN B 29 4.44 -14.21 -4.99
CA GLN B 29 3.52 -15.10 -4.29
C GLN B 29 3.57 -16.48 -4.94
N SER B 30 3.55 -17.52 -4.10
CA SER B 30 3.42 -18.90 -4.57
C SER B 30 2.19 -19.02 -5.49
N ALA B 31 2.39 -19.53 -6.71
CA ALA B 31 1.28 -19.77 -7.66
C ALA B 31 0.14 -20.62 -7.05
N GLY B 32 0.51 -21.67 -6.30
CA GLY B 32 -0.44 -22.50 -5.55
C GLY B 32 -1.33 -21.78 -4.54
N ASN B 33 -0.93 -20.58 -4.13
CA ASN B 33 -1.67 -19.78 -3.12
C ASN B 33 -2.63 -18.75 -3.73
N ILE B 34 -2.57 -18.57 -5.04
CA ILE B 34 -3.40 -17.60 -5.76
C ILE B 34 -4.81 -18.15 -5.80
N ARG B 35 -5.79 -17.29 -5.57
CA ARG B 35 -7.19 -17.69 -5.56
C ARG B 35 -8.03 -16.74 -6.40
N LYS B 36 -9.15 -17.24 -6.91
CA LYS B 36 -10.16 -16.41 -7.55
C LYS B 36 -10.47 -15.19 -6.68
N GLY B 37 -10.48 -14.01 -7.29
CA GLY B 37 -10.73 -12.77 -6.54
C GLY B 37 -9.46 -12.05 -6.16
N GLY B 38 -8.34 -12.78 -6.16
CA GLY B 38 -7.03 -12.18 -5.97
C GLY B 38 -6.50 -11.57 -7.25
N HIS B 39 -5.29 -11.03 -7.19
CA HIS B 39 -4.69 -10.39 -8.37
C HIS B 39 -3.39 -11.06 -8.76
N ILE B 40 -3.06 -10.93 -10.04
CA ILE B 40 -1.85 -11.50 -10.61
C ILE B 40 -1.34 -10.61 -11.75
N VAL B 41 -0.03 -10.59 -11.96
CA VAL B 41 0.53 -9.96 -13.14
C VAL B 41 0.67 -11.00 -14.28
N ILE B 42 -0.04 -10.76 -15.38
CA ILE B 42 0.12 -11.52 -16.64
C ILE B 42 0.50 -10.55 -17.76
N LYS B 43 1.59 -10.86 -18.47
CA LYS B 43 2.14 -10.00 -19.54
C LYS B 43 2.27 -8.56 -19.09
N ASN B 44 2.80 -8.36 -17.88
CA ASN B 44 2.97 -7.02 -17.28
C ASN B 44 1.70 -6.22 -17.01
N ARG B 45 0.56 -6.90 -17.02
CA ARG B 45 -0.73 -6.27 -16.79
C ARG B 45 -1.28 -6.70 -15.44
N PRO B 46 -1.86 -5.74 -14.66
CA PRO B 46 -2.54 -6.17 -13.42
C PRO B 46 -3.94 -6.73 -13.69
N CYS B 47 -4.18 -7.96 -13.24
CA CYS B 47 -5.42 -8.66 -13.55
C CYS B 47 -6.08 -9.22 -12.32
N LYS B 48 -7.42 -9.27 -12.35
CA LYS B 48 -8.17 -9.91 -11.29
C LYS B 48 -8.41 -11.33 -11.71
N VAL B 49 -8.11 -12.27 -10.81
CA VAL B 49 -8.27 -13.69 -11.06
C VAL B 49 -9.76 -14.06 -10.98
N VAL B 50 -10.27 -14.64 -12.06
CA VAL B 50 -11.68 -15.07 -12.13
C VAL B 50 -11.84 -16.60 -12.15
N GLU B 51 -10.77 -17.32 -12.47
CA GLU B 51 -10.80 -18.77 -12.40
C GLU B 51 -9.42 -19.36 -12.16
N VAL B 52 -9.34 -20.32 -11.26
CA VAL B 52 -8.15 -21.15 -11.10
C VAL B 52 -8.52 -22.63 -11.29
N SER B 53 -7.75 -23.30 -12.13
CA SER B 53 -7.85 -24.73 -12.34
C SER B 53 -6.46 -25.31 -12.04
N THR B 54 -6.41 -26.23 -11.08
CA THR B 54 -5.14 -26.76 -10.58
C THR B 54 -5.11 -28.25 -10.73
N SER B 55 -4.11 -28.75 -11.46
CA SER B 55 -3.96 -30.17 -11.71
C SER B 55 -2.53 -30.71 -11.47
N LYS B 56 -2.46 -31.92 -10.90
CA LYS B 56 -1.18 -32.59 -10.57
C LYS B 56 -0.65 -33.45 -11.72
N THR B 57 0.55 -33.12 -12.22
CA THR B 57 1.08 -33.65 -13.50
C THR B 57 2.27 -34.60 -13.38
N GLY B 58 2.39 -35.54 -14.32
CA GLY B 58 3.48 -36.50 -14.30
C GLY B 58 3.22 -37.68 -13.38
N LYS B 59 4.30 -38.27 -12.88
CA LYS B 59 4.20 -39.40 -11.95
C LYS B 59 4.41 -39.01 -10.47
N HIS B 60 5.11 -37.90 -10.26
CA HIS B 60 5.49 -37.44 -8.92
C HIS B 60 4.55 -36.41 -8.30
N GLY B 61 3.31 -36.36 -8.80
CA GLY B 61 2.37 -35.29 -8.50
C GLY B 61 2.64 -34.16 -9.43
N HIS B 62 3.14 -33.05 -8.90
CA HIS B 62 3.63 -31.81 -9.57
C HIS B 62 2.54 -30.91 -10.16
N ALA B 63 1.96 -30.08 -9.35
CA ALA B 63 0.80 -29.31 -9.78
C ALA B 63 1.04 -28.12 -10.73
N LYS B 64 0.17 -27.97 -11.72
CA LYS B 64 0.16 -26.78 -12.58
C LYS B 64 -1.12 -26.00 -12.27
N CYS B 65 -1.00 -24.68 -12.15
CA CYS B 65 -2.17 -23.85 -11.92
C CYS B 65 -2.47 -23.05 -13.18
N HIS B 66 -3.67 -23.26 -13.72
CA HIS B 66 -4.13 -22.50 -14.87
C HIS B 66 -5.00 -21.34 -14.36
N PHE B 67 -4.53 -20.12 -14.63
CA PHE B 67 -5.27 -18.91 -14.24
C PHE B 67 -5.98 -18.30 -15.43
N VAL B 68 -7.23 -17.91 -15.18
CA VAL B 68 -7.95 -17.03 -16.09
C VAL B 68 -8.16 -15.72 -15.33
N ALA B 69 -7.65 -14.63 -15.89
CA ALA B 69 -7.68 -13.34 -15.20
C ALA B 69 -8.15 -12.17 -16.11
N ILE B 70 -8.71 -11.12 -15.51
CA ILE B 70 -9.27 -9.97 -16.25
C ILE B 70 -8.44 -8.71 -15.98
N ASP B 71 -7.83 -8.15 -17.01
CA ASP B 71 -7.09 -6.88 -16.88
C ASP B 71 -8.01 -5.86 -16.18
N ILE B 72 -7.53 -5.27 -15.09
CA ILE B 72 -8.38 -4.42 -14.23
C ILE B 72 -8.70 -3.04 -14.85
N PHE B 73 -7.88 -2.61 -15.79
CA PHE B 73 -8.07 -1.32 -16.46
C PHE B 73 -8.79 -1.45 -17.80
N THR B 74 -8.56 -2.59 -18.44
CA THR B 74 -8.86 -2.82 -19.85
C THR B 74 -10.01 -3.82 -20.06
N ALA B 75 -10.30 -4.63 -19.03
CA ALA B 75 -11.27 -5.75 -19.11
C ALA B 75 -10.87 -6.94 -20.02
N LYS B 76 -9.68 -6.89 -20.60
CA LYS B 76 -9.16 -7.98 -21.42
C LYS B 76 -8.91 -9.27 -20.62
N LYS B 77 -9.27 -10.42 -21.20
CA LYS B 77 -9.01 -11.71 -20.57
C LYS B 77 -7.59 -12.15 -20.87
N LEU B 78 -6.85 -12.48 -19.82
CA LEU B 78 -5.52 -13.05 -20.00
C LEU B 78 -5.39 -14.38 -19.25
N GLU B 79 -4.50 -15.24 -19.70
CA GLU B 79 -4.38 -16.58 -19.13
C GLU B 79 -2.92 -16.98 -18.99
N ASP B 80 -2.64 -17.83 -18.01
CA ASP B 80 -1.32 -18.48 -17.92
C ASP B 80 -1.39 -19.76 -17.12
N ILE B 81 -0.42 -20.64 -17.34
CA ILE B 81 -0.28 -21.87 -16.56
C ILE B 81 1.08 -21.81 -15.91
N VAL B 82 1.11 -21.96 -14.59
CA VAL B 82 2.35 -21.82 -13.80
C VAL B 82 2.42 -22.99 -12.81
N PRO B 83 3.59 -23.66 -12.70
CA PRO B 83 3.74 -24.67 -11.64
C PRO B 83 3.37 -24.10 -10.26
N SER B 84 2.63 -24.88 -9.47
CA SER B 84 2.16 -24.42 -8.16
C SER B 84 3.28 -23.91 -7.24
N SER B 85 4.47 -24.49 -7.38
CA SER B 85 5.63 -24.20 -6.53
C SER B 85 6.47 -23.02 -7.03
N HIS B 86 6.18 -22.56 -8.25
CA HIS B 86 6.84 -21.37 -8.76
C HIS B 86 6.13 -20.12 -8.26
N ASN B 87 6.76 -18.97 -8.43
CA ASN B 87 6.17 -17.71 -8.01
C ASN B 87 5.47 -16.98 -9.15
N CYS B 88 4.39 -16.28 -8.80
CA CYS B 88 3.77 -15.25 -9.63
C CYS B 88 4.06 -13.89 -8.98
N ASP B 89 4.01 -12.83 -9.76
CA ASP B 89 3.97 -11.48 -9.19
C ASP B 89 2.52 -11.10 -8.94
N VAL B 90 2.26 -10.55 -7.76
CA VAL B 90 0.95 -10.06 -7.41
C VAL B 90 1.05 -8.54 -7.37
N PRO B 91 0.19 -7.83 -8.12
CA PRO B 91 0.26 -6.37 -8.04
C PRO B 91 -0.54 -5.87 -6.87
N HIS B 92 -0.01 -4.87 -6.17
CA HIS B 92 -0.80 -4.12 -5.20
C HIS B 92 -1.82 -3.28 -5.97
N VAL B 93 -3.08 -3.35 -5.53
CA VAL B 93 -4.16 -2.61 -6.16
C VAL B 93 -4.91 -1.82 -5.11
N ASN B 94 -4.99 -0.50 -5.33
CA ASN B 94 -5.74 0.39 -4.46
C ASN B 94 -6.95 1.04 -5.12
N ARG B 95 -8.00 1.20 -4.33
CA ARG B 95 -9.18 1.96 -4.71
C ARG B 95 -9.36 3.04 -3.65
N VAL B 96 -9.42 4.29 -4.10
CA VAL B 96 -9.49 5.46 -3.21
C VAL B 96 -10.55 6.44 -3.73
N ASP B 97 -11.40 6.90 -2.81
CA ASP B 97 -12.44 7.86 -3.12
C ASP B 97 -11.98 9.30 -2.83
N TYR B 98 -12.26 10.20 -3.77
CA TYR B 98 -11.98 11.64 -3.61
C TYR B 98 -13.24 12.44 -3.92
N GLN B 99 -13.50 13.48 -3.13
CA GLN B 99 -14.50 14.48 -3.50
C GLN B 99 -14.01 15.27 -4.70
N LEU B 100 -14.91 15.46 -5.67
CA LEU B 100 -14.61 16.23 -6.87
C LEU B 100 -14.71 17.73 -6.57
N ILE B 101 -13.67 18.47 -6.95
CA ILE B 101 -13.59 19.91 -6.72
C ILE B 101 -13.88 20.72 -7.99
N ASP B 102 -13.31 20.28 -9.10
CA ASP B 102 -13.36 21.05 -10.33
C ASP B 102 -13.19 20.18 -11.57
N ILE B 103 -13.74 20.66 -12.68
CA ILE B 103 -13.47 20.11 -14.00
C ILE B 103 -13.08 21.27 -14.90
N THR B 104 -11.85 21.23 -15.41
CA THR B 104 -11.31 22.34 -16.19
C THR B 104 -11.68 22.17 -17.66
N GLU B 105 -11.62 23.28 -18.39
CA GLU B 105 -11.96 23.31 -19.82
C GLU B 105 -11.06 22.40 -20.68
N ASP B 106 -9.85 22.11 -20.22
CA ASP B 106 -9.00 21.14 -20.92
C ASP B 106 -9.23 19.68 -20.50
N GLY B 107 -10.25 19.44 -19.67
CA GLY B 107 -10.67 18.08 -19.32
C GLY B 107 -9.93 17.42 -18.18
N PHE B 108 -9.20 18.21 -17.39
CA PHE B 108 -8.58 17.72 -16.17
C PHE B 108 -9.57 17.83 -15.03
N VAL B 109 -9.41 16.97 -14.03
CA VAL B 109 -10.25 17.05 -12.85
C VAL B 109 -9.41 17.40 -11.64
N SER B 110 -10.03 18.10 -10.71
CA SER B 110 -9.38 18.42 -9.48
C SER B 110 -10.11 17.70 -8.36
N LEU B 111 -9.33 16.97 -7.56
CA LEU B 111 -9.87 16.09 -6.54
C LEU B 111 -9.37 16.50 -5.18
N LEU B 112 -10.24 16.41 -4.19
CA LEU B 112 -9.89 16.80 -2.85
C LEU B 112 -9.25 15.61 -2.16
N THR B 113 -8.05 15.87 -1.67
CA THR B 113 -7.19 14.92 -1.00
C THR B 113 -7.61 14.86 0.50
N ASP B 114 -7.26 13.76 1.20
CA ASP B 114 -7.69 13.56 2.61
C ASP B 114 -6.98 14.46 3.64
N SER B 115 -5.92 15.14 3.20
CA SER B 115 -5.29 16.20 4.00
C SER B 115 -5.73 17.61 3.57
N GLY B 116 -6.73 17.71 2.70
CA GLY B 116 -7.24 19.02 2.26
C GLY B 116 -6.44 19.66 1.14
N GLY B 117 -5.59 18.86 0.51
CA GLY B 117 -4.84 19.32 -0.65
C GLY B 117 -5.61 18.94 -1.89
N THR B 118 -4.96 18.98 -3.03
CA THR B 118 -5.63 18.65 -4.28
C THR B 118 -4.79 17.67 -5.08
N LYS B 119 -5.47 16.78 -5.78
CA LYS B 119 -4.86 15.89 -6.76
C LYS B 119 -5.44 16.29 -8.13
N ASP B 120 -4.57 16.79 -9.01
CA ASP B 120 -4.99 17.47 -10.24
C ASP B 120 -4.34 16.87 -11.49
N ASP B 121 -3.72 15.69 -11.34
CA ASP B 121 -3.04 15.08 -12.47
C ASP B 121 -3.91 14.16 -13.32
N LEU B 122 -5.15 13.91 -12.89
CA LEU B 122 -6.06 13.03 -13.66
C LEU B 122 -7.02 13.79 -14.59
N LYS B 123 -7.20 13.25 -15.77
CA LYS B 123 -8.18 13.74 -16.74
C LYS B 123 -9.49 12.97 -16.61
N LEU B 124 -10.55 13.52 -17.19
CA LEU B 124 -11.85 12.87 -17.30
C LEU B 124 -11.69 11.45 -17.88
N PRO B 125 -12.40 10.45 -17.32
CA PRO B 125 -12.22 9.06 -17.81
C PRO B 125 -12.54 8.87 -19.30
N THR B 126 -11.92 7.87 -19.90
CA THR B 126 -12.23 7.42 -21.26
C THR B 126 -13.70 7.00 -21.41
N ASP B 127 -14.29 6.48 -20.34
CA ASP B 127 -15.67 6.02 -20.34
C ASP B 127 -16.65 7.20 -20.38
N ASP B 128 -17.45 7.25 -21.43
CA ASP B 128 -18.43 8.32 -21.65
C ASP B 128 -19.49 8.42 -20.55
N GLY B 129 -19.95 7.26 -20.05
CA GLY B 129 -20.93 7.21 -18.97
C GLY B 129 -20.43 7.80 -17.65
N LEU B 130 -19.19 7.48 -17.31
CA LEU B 130 -18.54 8.02 -16.11
C LEU B 130 -18.27 9.50 -16.25
N THR B 131 -17.77 9.92 -17.42
CA THR B 131 -17.52 11.32 -17.74
C THR B 131 -18.78 12.20 -17.74
N ALA B 132 -19.90 11.70 -18.30
CA ALA B 132 -21.16 12.44 -18.27
C ALA B 132 -21.74 12.56 -16.85
N GLN B 133 -21.63 11.49 -16.06
CA GLN B 133 -22.02 11.53 -14.64
C GLN B 133 -21.27 12.62 -13.86
N MET B 134 -19.96 12.71 -14.06
CA MET B 134 -19.14 13.73 -13.40
C MET B 134 -19.50 15.14 -13.84
N ARG B 135 -19.54 15.37 -15.15
CA ARG B 135 -19.90 16.66 -15.74
C ARG B 135 -21.30 17.11 -15.37
N LEU B 136 -22.28 16.22 -15.52
CA LEU B 136 -23.66 16.52 -15.15
C LEU B 136 -23.82 16.75 -13.65
N GLY B 137 -23.21 15.89 -12.82
CA GLY B 137 -23.30 16.04 -11.37
C GLY B 137 -22.69 17.36 -10.92
N PHE B 138 -21.56 17.71 -11.53
CA PHE B 138 -20.89 18.98 -11.27
C PHE B 138 -21.76 20.18 -11.68
N ASP B 139 -22.22 20.19 -12.93
CA ASP B 139 -23.10 21.26 -13.44
C ASP B 139 -24.36 21.47 -12.61
N GLU B 140 -24.87 20.39 -12.03
CA GLU B 140 -26.11 20.44 -11.24
C GLU B 140 -25.87 20.78 -9.76
N GLY B 141 -24.59 20.93 -9.38
CA GLY B 141 -24.26 21.30 -8.01
C GLY B 141 -24.38 20.15 -7.03
N LYS B 142 -24.25 18.94 -7.54
CA LYS B 142 -24.26 17.74 -6.70
C LYS B 142 -22.88 17.56 -6.09
N ASP B 143 -22.83 16.98 -4.90
CA ASP B 143 -21.56 16.67 -4.28
C ASP B 143 -21.10 15.29 -4.76
N ILE B 144 -20.09 15.30 -5.61
CA ILE B 144 -19.66 14.11 -6.34
C ILE B 144 -18.39 13.51 -5.73
N VAL B 145 -18.37 12.18 -5.66
CA VAL B 145 -17.22 11.38 -5.22
C VAL B 145 -16.79 10.47 -6.35
N VAL B 146 -15.51 10.49 -6.68
CA VAL B 146 -14.98 9.60 -7.70
C VAL B 146 -14.03 8.58 -7.08
N SER B 147 -14.14 7.33 -7.55
CA SER B 147 -13.25 6.27 -7.11
C SER B 147 -12.10 6.15 -8.09
N VAL B 148 -10.89 6.18 -7.55
CA VAL B 148 -9.70 6.03 -8.35
C VAL B 148 -9.03 4.69 -8.03
N MET B 149 -8.88 3.88 -9.08
CA MET B 149 -8.18 2.61 -9.03
C MET B 149 -6.76 2.77 -9.54
N SER B 150 -5.80 2.22 -8.79
CA SER B 150 -4.41 2.34 -9.14
C SER B 150 -3.64 1.05 -8.90
N SER B 151 -2.81 0.70 -9.86
CA SER B 151 -1.91 -0.44 -9.73
C SER B 151 -0.78 -0.24 -10.72
N MET B 152 0.43 -0.64 -10.31
CA MET B 152 1.59 -0.70 -11.22
C MET B 152 1.85 0.61 -11.98
N GLY B 153 1.70 1.73 -11.28
CA GLY B 153 1.96 3.06 -11.88
C GLY B 153 0.85 3.62 -12.75
N GLU B 154 -0.33 3.00 -12.71
CA GLU B 154 -1.45 3.42 -13.53
C GLU B 154 -2.66 3.73 -12.66
N GLU B 155 -3.40 4.77 -13.05
CA GLU B 155 -4.59 5.21 -12.32
C GLU B 155 -5.75 5.38 -13.28
N GLN B 156 -6.93 5.00 -12.81
CA GLN B 156 -8.13 5.07 -13.62
C GLN B 156 -9.30 5.43 -12.73
N ILE B 157 -10.05 6.46 -13.13
CA ILE B 157 -11.32 6.74 -12.50
C ILE B 157 -12.23 5.60 -12.90
N CYS B 158 -12.81 4.91 -11.92
CA CYS B 158 -13.56 3.69 -12.20
C CYS B 158 -14.99 3.71 -11.66
N ALA B 159 -15.33 4.71 -10.86
CA ALA B 159 -16.70 4.87 -10.37
C ALA B 159 -16.98 6.33 -10.03
N VAL B 160 -18.25 6.70 -10.08
CA VAL B 160 -18.69 8.07 -9.83
C VAL B 160 -19.99 7.99 -9.04
N LYS B 161 -20.00 8.59 -7.85
CA LYS B 161 -21.19 8.57 -7.02
C LYS B 161 -21.50 9.95 -6.46
N GLU B 162 -22.76 10.13 -6.06
CA GLU B 162 -23.22 11.37 -5.49
C GLU B 162 -23.34 11.16 -3.99
N VAL B 163 -22.82 12.12 -3.19
CA VAL B 163 -22.99 12.10 -1.74
C VAL B 163 -24.50 12.06 -1.38
N GLY B 164 -24.93 11.02 -0.67
CA GLY B 164 -24.06 9.89 -0.29
C GLY B 164 -24.82 8.73 0.32
N GLY B 165 -25.58 7.97 -0.48
CA GLY B 165 -25.68 8.18 -1.92
C GLY B 165 -24.78 7.24 -2.71
C1 EDO C . 10.41 -10.44 1.70
O1 EDO C . 9.98 -10.73 3.04
C2 EDO C . 9.43 -11.08 0.75
O2 EDO C . 9.87 -10.91 -0.61
C1 EDO D . 6.54 -4.69 2.87
O1 EDO D . 6.56 -3.26 2.98
C2 EDO D . 7.49 -5.31 3.90
O2 EDO D . 8.70 -5.80 3.30
C1 EDO E . -5.51 18.27 17.56
O1 EDO E . -6.61 19.00 18.11
C2 EDO E . -5.40 18.68 16.09
O2 EDO E . -4.27 18.06 15.49
C1 EDO F . 3.80 10.49 16.79
O1 EDO F . 2.62 10.75 17.60
C2 EDO F . 5.04 10.45 17.67
O2 EDO F . 6.15 9.85 16.98
C1 EDO G . -8.37 9.10 -16.45
O1 EDO G . -7.25 9.31 -15.58
C2 EDO G . -9.45 8.43 -15.60
O2 EDO G . -9.28 7.02 -15.75
C1 EDO H . -20.15 20.19 -6.27
O1 EDO H . -20.58 21.16 -7.26
C2 EDO H . -18.75 19.63 -6.57
O2 EDO H . -18.68 18.20 -6.33
#